data_3NTK
#
_entry.id   3NTK
#
_cell.length_a   104.145
_cell.length_b   47.262
_cell.length_c   85.404
_cell.angle_alpha   90.00
_cell.angle_beta   106.24
_cell.angle_gamma   90.00
#
_symmetry.space_group_name_H-M   'C 1 2 1'
#
loop_
_entity.id
_entity.type
_entity.pdbx_description
1 polymer 'Maternal protein tudor'
2 water water
#
_entity_poly.entity_id   1
_entity_poly.type   'polypeptide(L)'
_entity_poly.pdbx_seq_one_letter_code
;AELHNCVVVQFDGPMSFYVQMESDVPALEQMTDKLLDAEQDLPAFSDLKEGALCVAQFPEDEVFYRAQIRKVLDDGKCEV
HFIDFGNNAVTQQFRQLPEELAKPARYSRHCELDASTISKCDAALLQSFIDTRFSETFQVEILATKGTGTHVVRLFYQSK
NISEKLQEC
;
_entity_poly.pdbx_strand_id   A,B
#
# COMPACT_ATOMS: atom_id res chain seq x y z
N ALA A 1 26.66 -12.11 7.48
CA ALA A 1 26.16 -10.76 7.86
C ALA A 1 25.47 -10.82 9.22
N GLU A 2 25.12 -9.65 9.76
CA GLU A 2 24.45 -9.58 11.06
C GLU A 2 23.00 -10.01 10.98
N LEU A 3 22.70 -11.20 11.48
CA LEU A 3 21.35 -11.74 11.48
C LEU A 3 20.69 -11.62 12.84
N HIS A 4 19.43 -11.21 12.84
CA HIS A 4 18.69 -11.06 14.09
C HIS A 4 17.50 -12.02 14.11
N ASN A 5 17.34 -12.74 15.21
CA ASN A 5 16.21 -13.66 15.34
C ASN A 5 14.94 -12.87 15.56
N CYS A 6 13.84 -13.37 14.98
CA CYS A 6 12.55 -12.74 15.13
C CYS A 6 11.47 -13.76 14.81
N VAL A 7 10.23 -13.36 15.03
CA VAL A 7 9.08 -14.20 14.73
C VAL A 7 8.22 -13.31 13.86
N VAL A 8 7.61 -13.89 12.81
CA VAL A 8 6.74 -13.11 11.93
C VAL A 8 5.36 -13.14 12.56
N VAL A 9 4.79 -11.96 12.84
CA VAL A 9 3.48 -11.90 13.47
C VAL A 9 2.36 -11.55 12.52
N GLN A 10 2.72 -10.98 11.37
CA GLN A 10 1.75 -10.61 10.35
C GLN A 10 2.44 -10.68 9.00
N PHE A 11 1.82 -11.34 8.03
CA PHE A 11 2.44 -11.46 6.72
C PHE A 11 1.46 -11.31 5.57
N ASP A 12 1.45 -10.12 4.96
CA ASP A 12 0.56 -9.88 3.83
C ASP A 12 1.29 -10.27 2.55
N GLY A 13 2.61 -10.26 2.61
CA GLY A 13 3.43 -10.62 1.46
C GLY A 13 4.87 -10.21 1.69
N PRO A 14 5.78 -10.57 0.77
CA PRO A 14 7.19 -10.19 0.93
C PRO A 14 7.40 -8.69 1.07
N MET A 15 6.58 -7.88 0.38
CA MET A 15 6.78 -6.45 0.46
C MET A 15 6.12 -5.78 1.66
N SER A 16 5.45 -6.57 2.49
CA SER A 16 4.82 -6.00 3.67
C SER A 16 4.46 -7.02 4.72
N PHE A 17 5.29 -7.09 5.77
CA PHE A 17 5.03 -7.99 6.88
C PHE A 17 5.57 -7.40 8.18
N TYR A 18 5.16 -7.97 9.30
CA TYR A 18 5.59 -7.49 10.61
C TYR A 18 6.28 -8.58 11.41
N VAL A 19 7.29 -8.18 12.18
CA VAL A 19 8.03 -9.11 13.00
C VAL A 19 8.22 -8.58 14.42
N GLN A 20 8.55 -9.50 15.32
CA GLN A 20 8.84 -9.16 16.70
C GLN A 20 10.23 -9.71 16.90
N MET A 21 11.19 -8.80 17.11
CA MET A 21 12.58 -9.18 17.31
C MET A 21 12.78 -9.87 18.66
N GLU A 22 13.59 -10.90 18.65
CA GLU A 22 13.90 -11.66 19.86
C GLU A 22 14.43 -10.71 20.94
N SER A 23 15.22 -9.73 20.52
CA SER A 23 15.80 -8.77 21.44
C SER A 23 14.75 -7.92 22.17
N ASP A 24 13.61 -7.69 21.53
CA ASP A 24 12.56 -6.88 22.15
C ASP A 24 11.54 -7.67 22.99
N VAL A 25 11.65 -9.00 22.96
CA VAL A 25 10.71 -9.83 23.70
C VAL A 25 10.62 -9.49 25.20
N PRO A 26 11.78 -9.36 25.88
CA PRO A 26 11.73 -9.02 27.31
C PRO A 26 10.93 -7.75 27.57
N ALA A 27 11.25 -6.70 26.82
CA ALA A 27 10.55 -5.41 26.97
C ALA A 27 9.06 -5.57 26.68
N LEU A 28 8.74 -6.34 25.65
CA LEU A 28 7.34 -6.55 25.30
C LEU A 28 6.60 -7.29 26.41
N GLU A 29 7.27 -8.27 27.01
CA GLU A 29 6.65 -9.04 28.09
C GLU A 29 6.43 -8.15 29.31
N GLN A 30 7.34 -7.20 29.52
CA GLN A 30 7.21 -6.27 30.63
C GLN A 30 6.02 -5.35 30.34
N MET A 31 5.94 -4.87 29.10
CA MET A 31 4.84 -4.00 28.69
C MET A 31 3.51 -4.71 28.90
N THR A 32 3.42 -5.94 28.40
CA THR A 32 2.22 -6.74 28.50
C THR A 32 1.80 -6.94 29.96
N ASP A 33 2.77 -7.21 30.83
CA ASP A 33 2.49 -7.40 32.25
C ASP A 33 1.95 -6.11 32.88
N LYS A 34 2.61 -4.99 32.59
CA LYS A 34 2.19 -3.70 33.14
C LYS A 34 0.79 -3.29 32.68
N LEU A 35 0.47 -3.60 31.43
CA LEU A 35 -0.85 -3.28 30.89
C LEU A 35 -1.91 -4.12 31.56
N LEU A 36 -1.59 -5.39 31.80
CA LEU A 36 -2.53 -6.31 32.43
C LEU A 36 -2.80 -5.93 33.88
N ASP A 37 -1.79 -5.42 34.55
CA ASP A 37 -1.94 -5.03 35.95
C ASP A 37 -2.77 -3.75 36.11
N ALA A 38 -2.63 -2.82 35.17
CA ALA A 38 -3.37 -1.55 35.23
C ALA A 38 -4.68 -1.51 34.44
N GLU A 39 -4.84 -2.46 33.54
CA GLU A 39 -6.02 -2.56 32.66
C GLU A 39 -7.36 -2.13 33.26
N GLN A 40 -7.77 -2.78 34.34
CA GLN A 40 -9.06 -2.49 34.97
C GLN A 40 -9.20 -1.06 35.52
N ASP A 41 -8.08 -0.43 35.85
CA ASP A 41 -8.14 0.91 36.42
C ASP A 41 -7.91 2.04 35.44
N LEU A 42 -7.75 1.71 34.17
CA LEU A 42 -7.55 2.76 33.16
C LEU A 42 -8.89 3.36 32.76
N PRO A 43 -9.00 4.69 32.82
CA PRO A 43 -10.24 5.37 32.46
C PRO A 43 -10.51 5.28 30.96
N ALA A 44 -11.74 5.59 30.56
CA ALA A 44 -12.13 5.54 29.16
C ALA A 44 -11.39 6.61 28.36
N PHE A 45 -11.09 6.29 27.11
CA PHE A 45 -10.42 7.22 26.21
C PHE A 45 -11.51 7.64 25.23
N SER A 46 -11.74 8.95 25.11
CA SER A 46 -12.78 9.44 24.22
C SER A 46 -12.29 10.41 23.13
N ASP A 47 -11.02 10.77 23.17
CA ASP A 47 -10.46 11.68 22.16
C ASP A 47 -10.10 10.91 20.90
N LEU A 48 -11.12 10.34 20.25
CA LEU A 48 -10.88 9.55 19.04
C LEU A 48 -10.54 10.40 17.83
N LYS A 49 -9.30 10.28 17.38
CA LYS A 49 -8.81 11.01 16.22
C LYS A 49 -7.68 10.19 15.62
N GLU A 50 -7.52 10.25 14.31
CA GLU A 50 -6.45 9.50 13.65
C GLU A 50 -5.11 9.88 14.28
N GLY A 51 -4.27 8.88 14.51
CA GLY A 51 -2.97 9.13 15.10
C GLY A 51 -2.91 9.02 16.61
N ALA A 52 -4.06 9.11 17.26
CA ALA A 52 -4.12 9.02 18.71
C ALA A 52 -3.64 7.68 19.23
N LEU A 53 -2.88 7.71 20.32
CA LEU A 53 -2.36 6.49 20.93
C LEU A 53 -3.22 6.19 22.15
N CYS A 54 -3.54 4.91 22.36
CA CYS A 54 -4.37 4.53 23.50
C CYS A 54 -4.23 3.04 23.77
N VAL A 55 -5.13 2.53 24.59
CA VAL A 55 -5.19 1.12 24.92
C VAL A 55 -6.53 0.70 24.33
N ALA A 56 -6.51 -0.32 23.47
CA ALA A 56 -7.73 -0.77 22.84
C ALA A 56 -7.89 -2.28 22.93
N GLN A 57 -9.13 -2.73 22.94
CA GLN A 57 -9.40 -4.16 23.05
C GLN A 57 -9.54 -4.80 21.68
N PHE A 58 -8.84 -5.91 21.49
CA PHE A 58 -8.89 -6.67 20.25
C PHE A 58 -10.08 -7.62 20.43
N PRO A 59 -11.18 -7.36 19.71
CA PRO A 59 -12.42 -8.16 19.77
C PRO A 59 -12.25 -9.67 19.65
N GLU A 60 -11.29 -10.09 18.83
CA GLU A 60 -11.03 -11.51 18.61
C GLU A 60 -10.38 -12.19 19.81
N ASP A 61 -9.62 -11.42 20.57
CA ASP A 61 -8.89 -11.92 21.73
C ASP A 61 -9.49 -11.40 23.04
N GLU A 62 -10.16 -10.26 22.96
CA GLU A 62 -10.76 -9.60 24.12
C GLU A 62 -9.68 -9.12 25.08
N VAL A 63 -8.45 -9.01 24.58
CA VAL A 63 -7.33 -8.54 25.38
C VAL A 63 -7.03 -7.08 25.03
N PHE A 64 -6.57 -6.29 25.99
CA PHE A 64 -6.24 -4.90 25.71
C PHE A 64 -4.76 -4.75 25.32
N TYR A 65 -4.51 -3.97 24.27
CA TYR A 65 -3.16 -3.74 23.77
C TYR A 65 -2.93 -2.25 23.46
N ARG A 66 -1.67 -1.86 23.32
CA ARG A 66 -1.37 -0.48 22.95
C ARG A 66 -1.84 -0.37 21.51
N ALA A 67 -2.47 0.74 21.17
CA ALA A 67 -2.99 0.90 19.82
C ALA A 67 -2.97 2.34 19.31
N GLN A 68 -2.88 2.47 18.00
CA GLN A 68 -2.90 3.78 17.37
C GLN A 68 -4.12 3.80 16.45
N ILE A 69 -4.94 4.83 16.61
CA ILE A 69 -6.14 4.95 15.79
C ILE A 69 -5.77 5.31 14.35
N ARG A 70 -6.30 4.53 13.41
CA ARG A 70 -6.01 4.76 12.00
C ARG A 70 -7.18 5.42 11.27
N LYS A 71 -8.39 5.06 11.67
CA LYS A 71 -9.61 5.63 11.06
C LYS A 71 -10.72 5.69 12.09
N VAL A 72 -11.43 6.81 12.13
CA VAL A 72 -12.56 6.97 13.04
C VAL A 72 -13.82 6.65 12.26
N LEU A 73 -14.54 5.61 12.69
CA LEU A 73 -15.76 5.18 12.01
C LEU A 73 -16.99 5.62 12.79
N ASP A 74 -18.16 5.13 12.39
CA ASP A 74 -19.40 5.48 13.07
C ASP A 74 -19.68 4.59 14.27
N ASP A 75 -20.58 5.05 15.14
CA ASP A 75 -20.97 4.32 16.33
C ASP A 75 -19.82 4.07 17.29
N GLY A 76 -18.97 5.09 17.48
CA GLY A 76 -17.84 4.97 18.38
C GLY A 76 -16.82 3.92 17.99
N LYS A 77 -16.89 3.46 16.74
CA LYS A 77 -15.95 2.46 16.25
C LYS A 77 -14.72 3.12 15.63
N CYS A 78 -13.59 2.43 15.72
CA CYS A 78 -12.34 2.92 15.14
C CYS A 78 -11.53 1.75 14.62
N GLU A 79 -10.80 1.99 13.53
CA GLU A 79 -9.91 0.97 13.01
C GLU A 79 -8.60 1.32 13.70
N VAL A 80 -8.02 0.36 14.42
CA VAL A 80 -6.77 0.63 15.10
C VAL A 80 -5.67 -0.32 14.66
N HIS A 81 -4.44 0.07 14.95
CA HIS A 81 -3.28 -0.73 14.65
C HIS A 81 -2.60 -1.04 15.97
N PHE A 82 -2.48 -2.32 16.30
CA PHE A 82 -1.84 -2.72 17.55
C PHE A 82 -0.33 -2.68 17.30
N ILE A 83 0.27 -1.60 17.75
CA ILE A 83 1.69 -1.36 17.52
C ILE A 83 2.67 -2.43 17.97
N ASP A 84 2.32 -3.21 18.97
CA ASP A 84 3.25 -4.23 19.44
C ASP A 84 3.03 -5.59 18.78
N PHE A 85 1.97 -5.70 17.99
CA PHE A 85 1.68 -6.97 17.33
C PHE A 85 1.45 -6.89 15.83
N GLY A 86 1.52 -5.68 15.29
CA GLY A 86 1.38 -5.49 13.85
C GLY A 86 0.08 -5.75 13.13
N ASN A 87 -1.00 -6.00 13.88
CA ASN A 87 -2.30 -6.27 13.28
C ASN A 87 -3.30 -5.12 13.44
N ASN A 88 -4.25 -5.04 12.52
CA ASN A 88 -5.28 -4.00 12.57
C ASN A 88 -6.63 -4.64 12.85
N ALA A 89 -7.51 -3.89 13.51
CA ALA A 89 -8.83 -4.39 13.83
C ALA A 89 -9.75 -3.23 14.18
N VAL A 90 -11.05 -3.46 14.01
CA VAL A 90 -12.05 -2.45 14.32
C VAL A 90 -12.51 -2.77 15.74
N THR A 91 -12.55 -1.75 16.59
CA THR A 91 -12.97 -1.95 17.97
C THR A 91 -13.77 -0.76 18.50
N GLN A 92 -14.42 -0.93 19.64
CA GLN A 92 -15.21 0.13 20.25
C GLN A 92 -14.75 0.40 21.67
N GLN A 93 -13.81 -0.41 22.15
CA GLN A 93 -13.33 -0.27 23.52
C GLN A 93 -11.94 0.37 23.60
N PHE A 94 -11.90 1.58 24.15
CA PHE A 94 -10.64 2.31 24.28
C PHE A 94 -10.44 2.84 25.69
N ARG A 95 -9.22 2.71 26.18
CA ARG A 95 -8.89 3.21 27.49
C ARG A 95 -7.64 4.06 27.37
N GLN A 96 -7.43 4.94 28.33
CA GLN A 96 -6.28 5.83 28.28
C GLN A 96 -4.96 5.12 28.56
N LEU A 97 -3.94 5.45 27.77
CA LEU A 97 -2.62 4.86 27.95
C LEU A 97 -1.78 5.80 28.82
N PRO A 98 -1.33 5.30 29.99
CA PRO A 98 -0.50 6.13 30.86
C PRO A 98 0.69 6.66 30.08
N GLU A 99 1.10 7.90 30.35
CA GLU A 99 2.22 8.50 29.64
C GLU A 99 3.47 7.62 29.68
N GLU A 100 3.73 7.00 30.82
CA GLU A 100 4.89 6.14 31.01
C GLU A 100 4.86 4.92 30.08
N LEU A 101 3.66 4.44 29.76
CA LEU A 101 3.53 3.27 28.89
C LEU A 101 3.49 3.63 27.41
N ALA A 102 3.46 4.92 27.11
CA ALA A 102 3.45 5.38 25.73
C ALA A 102 4.89 5.69 25.29
N LYS A 103 5.81 5.78 26.25
CA LYS A 103 7.20 6.09 25.94
C LYS A 103 7.94 5.00 25.17
N PRO A 104 7.77 3.72 25.55
CA PRO A 104 8.47 2.66 24.83
C PRO A 104 8.10 2.61 23.35
N ALA A 105 9.07 2.30 22.51
CA ALA A 105 8.82 2.21 21.08
C ALA A 105 7.94 1.00 20.79
N ARG A 106 7.30 0.99 19.62
CA ARG A 106 6.47 -0.13 19.22
C ARG A 106 7.32 -1.40 19.22
N TYR A 107 6.72 -2.52 19.63
CA TYR A 107 7.46 -3.77 19.69
C TYR A 107 7.29 -4.72 18.51
N SER A 108 6.55 -4.27 17.50
CA SER A 108 6.42 -5.05 16.27
C SER A 108 7.07 -4.11 15.24
N ARG A 109 7.72 -4.68 14.23
CA ARG A 109 8.38 -3.87 13.23
C ARG A 109 7.90 -4.19 11.83
N HIS A 110 7.61 -3.15 11.06
CA HIS A 110 7.18 -3.36 9.70
C HIS A 110 8.45 -3.58 8.86
N CYS A 111 8.37 -4.56 7.96
CA CYS A 111 9.48 -4.92 7.09
C CYS A 111 9.03 -5.16 5.66
N GLU A 112 9.96 -5.05 4.73
CA GLU A 112 9.69 -5.34 3.32
C GLU A 112 10.96 -5.99 2.80
N LEU A 113 10.80 -7.06 2.04
CA LEU A 113 11.94 -7.78 1.51
C LEU A 113 12.69 -7.04 0.40
N ASP A 114 14.00 -7.24 0.39
CA ASP A 114 14.85 -6.70 -0.65
C ASP A 114 14.35 -7.57 -1.81
N ALA A 115 13.69 -6.95 -2.78
CA ALA A 115 13.11 -7.69 -3.90
C ALA A 115 14.08 -8.56 -4.72
N SER A 116 15.37 -8.26 -4.67
CA SER A 116 16.34 -9.03 -5.45
C SER A 116 16.68 -10.39 -4.83
N THR A 117 16.27 -10.60 -3.59
CA THR A 117 16.58 -11.84 -2.88
C THR A 117 15.64 -13.02 -3.09
N ILE A 118 14.54 -12.80 -3.80
CA ILE A 118 13.60 -13.88 -4.07
C ILE A 118 13.09 -13.81 -5.50
N SER A 119 12.66 -14.95 -6.02
CA SER A 119 12.14 -15.03 -7.37
C SER A 119 10.61 -14.85 -7.37
N LYS A 120 10.03 -14.90 -8.55
CA LYS A 120 8.59 -14.77 -8.72
C LYS A 120 7.93 -15.96 -8.02
N CYS A 121 8.50 -17.15 -8.21
CA CYS A 121 7.98 -18.37 -7.61
C CYS A 121 8.12 -18.29 -6.09
N ASP A 122 9.29 -17.86 -5.62
CA ASP A 122 9.51 -17.75 -4.17
C ASP A 122 8.44 -16.87 -3.55
N ALA A 123 8.23 -15.70 -4.13
CA ALA A 123 7.25 -14.74 -3.62
C ALA A 123 5.86 -15.36 -3.45
N ALA A 124 5.43 -16.13 -4.43
CA ALA A 124 4.12 -16.76 -4.39
C ALA A 124 4.00 -17.88 -3.36
N LEU A 125 5.09 -18.60 -3.14
CA LEU A 125 5.11 -19.72 -2.20
C LEU A 125 5.36 -19.29 -0.75
N LEU A 126 5.98 -18.12 -0.57
CA LEU A 126 6.28 -17.65 0.77
C LEU A 126 5.06 -17.55 1.69
N GLN A 127 3.92 -17.14 1.13
CA GLN A 127 2.71 -17.01 1.93
C GLN A 127 2.39 -18.31 2.69
N SER A 128 2.33 -19.42 1.96
CA SER A 128 2.02 -20.72 2.56
C SER A 128 3.16 -21.25 3.43
N PHE A 129 4.39 -20.90 3.09
CA PHE A 129 5.53 -21.35 3.86
C PHE A 129 5.50 -20.70 5.24
N ILE A 130 5.18 -19.40 5.27
CA ILE A 130 5.11 -18.64 6.51
C ILE A 130 3.89 -19.03 7.35
N ASP A 131 2.75 -19.18 6.70
CA ASP A 131 1.52 -19.53 7.40
C ASP A 131 1.65 -20.84 8.17
N THR A 132 2.51 -21.72 7.69
CA THR A 132 2.73 -23.02 8.31
C THR A 132 3.70 -22.94 9.49
N ARG A 133 4.48 -21.87 9.55
CA ARG A 133 5.48 -21.71 10.60
C ARG A 133 5.37 -20.37 11.33
N PHE A 134 4.15 -19.86 11.48
CA PHE A 134 3.95 -18.58 12.13
C PHE A 134 4.61 -18.40 13.49
N SER A 135 4.68 -19.46 14.28
CA SER A 135 5.29 -19.35 15.61
C SER A 135 6.79 -19.66 15.61
N GLU A 136 7.32 -20.06 14.46
CA GLU A 136 8.74 -20.40 14.36
C GLU A 136 9.64 -19.18 14.23
N THR A 137 10.90 -19.36 14.58
CA THR A 137 11.89 -18.30 14.51
C THR A 137 12.52 -18.18 13.13
N PHE A 138 12.66 -16.94 12.67
CA PHE A 138 13.28 -16.63 11.39
C PHE A 138 14.38 -15.64 11.72
N GLN A 139 15.22 -15.30 10.75
CA GLN A 139 16.25 -14.30 10.99
C GLN A 139 16.12 -13.27 9.89
N VAL A 140 16.47 -12.03 10.22
CA VAL A 140 16.43 -10.97 9.23
C VAL A 140 17.73 -10.19 9.28
N GLU A 141 18.21 -9.79 8.10
CA GLU A 141 19.40 -8.97 8.00
C GLU A 141 18.80 -7.61 7.67
N ILE A 142 19.03 -6.61 8.50
CA ILE A 142 18.47 -5.29 8.25
C ILE A 142 19.41 -4.49 7.36
N LEU A 143 18.96 -4.24 6.13
CA LEU A 143 19.76 -3.51 5.17
C LEU A 143 19.60 -2.01 5.34
N ALA A 144 18.44 -1.59 5.83
CA ALA A 144 18.18 -0.18 6.05
C ALA A 144 16.83 0.05 6.72
N THR A 145 16.67 1.26 7.24
CA THR A 145 15.43 1.66 7.88
C THR A 145 14.97 2.91 7.15
N LYS A 146 13.80 2.84 6.52
CA LYS A 146 13.26 3.96 5.76
C LYS A 146 12.80 5.10 6.65
N GLY A 147 12.54 6.25 6.04
CA GLY A 147 12.08 7.40 6.79
C GLY A 147 10.76 7.14 7.48
N THR A 148 10.05 6.10 7.04
CA THR A 148 8.75 5.74 7.62
C THR A 148 8.91 4.78 8.79
N GLY A 149 10.13 4.29 9.00
CA GLY A 149 10.38 3.36 10.08
C GLY A 149 10.48 1.93 9.59
N THR A 150 10.04 1.69 8.36
CA THR A 150 10.07 0.35 7.78
C THR A 150 11.49 -0.14 7.52
N HIS A 151 11.75 -1.41 7.87
CA HIS A 151 13.06 -2.01 7.64
C HIS A 151 13.07 -2.74 6.29
N VAL A 152 14.10 -2.54 5.49
CA VAL A 152 14.25 -3.27 4.23
C VAL A 152 15.15 -4.41 4.70
N VAL A 153 14.71 -5.66 4.52
CA VAL A 153 15.48 -6.79 5.01
C VAL A 153 15.68 -7.96 4.06
N ARG A 154 16.56 -8.87 4.47
CA ARG A 154 16.82 -10.11 3.74
C ARG A 154 16.36 -11.14 4.77
N LEU A 155 15.54 -12.08 4.33
CA LEU A 155 14.99 -13.09 5.22
C LEU A 155 15.72 -14.42 5.19
N PHE A 156 15.87 -15.02 6.38
CA PHE A 156 16.54 -16.31 6.53
C PHE A 156 15.71 -17.24 7.39
N TYR A 157 15.91 -18.54 7.18
CA TYR A 157 15.20 -19.54 7.95
C TYR A 157 16.26 -20.59 8.30
N GLN A 158 16.45 -20.84 9.59
CA GLN A 158 17.48 -21.76 10.06
C GLN A 158 18.82 -21.20 9.60
N SER A 159 18.91 -19.88 9.59
CA SER A 159 20.12 -19.15 9.19
C SER A 159 20.53 -19.32 7.73
N LYS A 160 19.59 -19.75 6.89
CA LYS A 160 19.86 -19.92 5.46
C LYS A 160 18.95 -18.99 4.68
N ASN A 161 19.43 -18.44 3.56
CA ASN A 161 18.60 -17.56 2.74
C ASN A 161 17.28 -18.27 2.47
N ILE A 162 16.17 -17.58 2.72
CA ILE A 162 14.85 -18.15 2.54
C ILE A 162 14.64 -18.88 1.21
N SER A 163 15.16 -18.31 0.13
CA SER A 163 15.03 -18.93 -1.19
C SER A 163 15.58 -20.36 -1.21
N GLU A 164 16.55 -20.64 -0.36
CA GLU A 164 17.14 -21.98 -0.31
C GLU A 164 16.22 -22.96 0.40
N LYS A 165 15.42 -22.48 1.35
CA LYS A 165 14.51 -23.34 2.08
C LYS A 165 13.18 -23.56 1.36
N LEU A 166 12.95 -22.79 0.30
CA LEU A 166 11.72 -22.93 -0.48
C LEU A 166 12.04 -23.98 -1.56
N GLN A 167 11.94 -25.25 -1.17
CA GLN A 167 12.27 -26.35 -2.06
C GLN A 167 11.45 -26.49 -3.34
N GLU A 168 10.19 -26.07 -3.31
CA GLU A 168 9.33 -26.18 -4.48
C GLU A 168 9.65 -25.17 -5.60
N CYS A 169 10.56 -24.24 -5.34
CA CYS A 169 10.93 -23.26 -6.35
C CYS A 169 12.38 -23.41 -6.79
N ALA B 1 20.89 11.33 -10.95
CA ALA B 1 19.64 11.40 -11.76
C ALA B 1 18.49 11.96 -10.94
N GLU B 2 17.64 12.76 -11.58
CA GLU B 2 16.50 13.36 -10.91
C GLU B 2 15.38 12.32 -10.83
N LEU B 3 15.15 11.81 -9.62
CA LEU B 3 14.13 10.80 -9.40
C LEU B 3 12.89 11.37 -8.73
N HIS B 4 11.72 10.90 -9.16
CA HIS B 4 10.46 11.35 -8.60
C HIS B 4 9.75 10.21 -7.89
N ASN B 5 9.24 10.48 -6.69
CA ASN B 5 8.52 9.45 -5.96
C ASN B 5 7.15 9.29 -6.60
N CYS B 6 6.67 8.07 -6.69
CA CYS B 6 5.37 7.79 -7.28
C CYS B 6 4.86 6.43 -6.87
N VAL B 7 3.60 6.16 -7.18
CA VAL B 7 3.00 4.86 -6.92
C VAL B 7 2.48 4.36 -8.28
N VAL B 8 2.65 3.08 -8.53
CA VAL B 8 2.15 2.48 -9.78
C VAL B 8 0.72 2.08 -9.49
N VAL B 9 -0.22 2.67 -10.22
CA VAL B 9 -1.63 2.40 -10.00
C VAL B 9 -2.22 1.41 -10.99
N GLN B 10 -1.59 1.27 -12.15
CA GLN B 10 -2.09 0.35 -13.17
C GLN B 10 -0.93 -0.15 -14.02
N PHE B 11 -0.78 -1.46 -14.11
CA PHE B 11 0.32 -2.02 -14.90
C PHE B 11 -0.22 -3.02 -15.91
N ASP B 12 -0.18 -2.65 -17.18
CA ASP B 12 -0.66 -3.51 -18.25
C ASP B 12 0.52 -4.19 -18.95
N GLY B 13 1.70 -3.62 -18.75
CA GLY B 13 2.90 -4.17 -19.36
C GLY B 13 4.04 -3.19 -19.22
N PRO B 14 5.29 -3.61 -19.54
CA PRO B 14 6.47 -2.76 -19.44
C PRO B 14 6.37 -1.49 -20.28
N MET B 15 5.64 -1.56 -21.38
CA MET B 15 5.49 -0.41 -22.24
C MET B 15 4.16 0.32 -22.07
N SER B 16 3.43 -0.04 -21.03
CA SER B 16 2.17 0.62 -20.78
C SER B 16 1.71 0.48 -19.35
N PHE B 17 2.06 1.46 -18.52
CA PHE B 17 1.63 1.44 -17.14
C PHE B 17 1.38 2.88 -16.68
N TYR B 18 0.63 3.00 -15.58
CA TYR B 18 0.29 4.32 -15.08
C TYR B 18 0.76 4.53 -13.66
N VAL B 19 1.26 5.73 -13.39
CA VAL B 19 1.71 6.08 -12.07
C VAL B 19 1.04 7.38 -11.63
N GLN B 20 1.05 7.62 -10.33
CA GLN B 20 0.53 8.83 -9.75
C GLN B 20 1.75 9.42 -9.05
N MET B 21 2.16 10.61 -9.49
CA MET B 21 3.32 11.27 -8.92
C MET B 21 3.01 11.83 -7.54
N GLU B 22 3.93 11.61 -6.60
CA GLU B 22 3.74 12.14 -5.25
C GLU B 22 3.52 13.65 -5.30
N SER B 23 4.13 14.30 -6.28
CA SER B 23 3.99 15.75 -6.42
C SER B 23 2.57 16.18 -6.78
N ASP B 24 1.80 15.28 -7.39
CA ASP B 24 0.42 15.58 -7.77
C ASP B 24 -0.61 15.17 -6.72
N VAL B 25 -0.14 14.54 -5.64
CA VAL B 25 -1.05 14.07 -4.60
C VAL B 25 -1.96 15.13 -3.99
N PRO B 26 -1.43 16.32 -3.64
CA PRO B 26 -2.29 17.35 -3.06
C PRO B 26 -3.41 17.72 -4.03
N ALA B 27 -3.02 17.95 -5.28
CA ALA B 27 -3.97 18.32 -6.32
C ALA B 27 -5.01 17.22 -6.55
N LEU B 28 -4.58 15.96 -6.52
CA LEU B 28 -5.49 14.84 -6.73
C LEU B 28 -6.49 14.74 -5.57
N GLU B 29 -5.99 14.93 -4.35
CA GLU B 29 -6.88 14.87 -3.19
C GLU B 29 -7.94 15.97 -3.24
N GLN B 30 -7.55 17.14 -3.75
CA GLN B 30 -8.47 18.26 -3.86
C GLN B 30 -9.54 17.94 -4.90
N MET B 31 -9.12 17.34 -6.02
CA MET B 31 -10.04 16.96 -7.08
C MET B 31 -11.05 15.95 -6.56
N THR B 32 -10.55 14.94 -5.86
CA THR B 32 -11.40 13.90 -5.29
C THR B 32 -12.39 14.51 -4.30
N ASP B 33 -11.91 15.46 -3.49
CA ASP B 33 -12.74 16.14 -2.50
C ASP B 33 -13.84 16.94 -3.19
N LYS B 34 -13.47 17.68 -4.23
CA LYS B 34 -14.42 18.49 -4.97
C LYS B 34 -15.49 17.63 -5.64
N LEU B 35 -15.08 16.50 -6.21
CA LEU B 35 -16.01 15.59 -6.86
C LEU B 35 -17.02 15.03 -5.88
N LEU B 36 -16.54 14.57 -4.74
CA LEU B 36 -17.40 14.01 -3.72
C LEU B 36 -18.46 15.02 -3.24
N ASP B 37 -18.04 16.27 -3.12
CA ASP B 37 -18.96 17.32 -2.67
C ASP B 37 -20.03 17.70 -3.70
N ALA B 38 -19.67 17.62 -4.97
CA ALA B 38 -20.62 17.99 -6.04
C ALA B 38 -21.38 16.80 -6.62
N GLU B 39 -20.80 15.61 -6.49
CA GLU B 39 -21.38 14.38 -7.02
C GLU B 39 -22.90 14.25 -7.12
N GLN B 40 -23.57 14.36 -5.99
CA GLN B 40 -25.03 14.22 -5.96
C GLN B 40 -25.77 15.27 -6.78
N ASP B 41 -25.18 16.44 -6.93
CA ASP B 41 -25.86 17.50 -7.68
C ASP B 41 -25.48 17.62 -9.15
N LEU B 42 -24.62 16.73 -9.63
CA LEU B 42 -24.24 16.77 -11.03
C LEU B 42 -25.32 16.14 -11.90
N PRO B 43 -25.75 16.86 -12.95
CA PRO B 43 -26.79 16.37 -13.87
C PRO B 43 -26.29 15.21 -14.74
N ALA B 44 -27.21 14.47 -15.32
CA ALA B 44 -26.85 13.35 -16.17
C ALA B 44 -26.10 13.79 -17.43
N PHE B 45 -25.16 12.96 -17.87
CA PHE B 45 -24.41 13.24 -19.09
C PHE B 45 -24.94 12.24 -20.09
N SER B 46 -25.46 12.73 -21.22
CA SER B 46 -26.03 11.84 -22.23
C SER B 46 -25.40 11.94 -23.62
N ASP B 47 -24.47 12.88 -23.80
CA ASP B 47 -23.79 13.07 -25.09
C ASP B 47 -22.65 12.07 -25.21
N LEU B 48 -22.99 10.78 -25.14
CA LEU B 48 -22.01 9.71 -25.21
C LEU B 48 -21.33 9.66 -26.57
N LYS B 49 -20.05 10.02 -26.57
CA LYS B 49 -19.25 10.03 -27.79
C LYS B 49 -17.79 9.80 -27.43
N GLU B 50 -17.07 9.12 -28.32
CA GLU B 50 -15.66 8.85 -28.09
C GLU B 50 -14.91 10.15 -27.80
N GLY B 51 -14.10 10.14 -26.75
CA GLY B 51 -13.30 11.30 -26.39
C GLY B 51 -13.94 12.28 -25.42
N ALA B 52 -15.25 12.17 -25.23
CA ALA B 52 -15.97 13.06 -24.32
C ALA B 52 -15.52 12.88 -22.88
N LEU B 53 -15.42 14.00 -22.17
CA LEU B 53 -15.03 13.96 -20.76
C LEU B 53 -16.28 14.04 -19.93
N CYS B 54 -16.29 13.33 -18.80
CA CYS B 54 -17.45 13.35 -17.92
C CYS B 54 -17.05 12.73 -16.59
N VAL B 55 -18.03 12.51 -15.73
CA VAL B 55 -17.81 11.88 -14.44
C VAL B 55 -18.56 10.57 -14.60
N ALA B 56 -17.88 9.46 -14.34
CA ALA B 56 -18.50 8.16 -14.49
C ALA B 56 -18.28 7.30 -13.27
N GLN B 57 -19.23 6.40 -13.02
CA GLN B 57 -19.11 5.54 -11.86
C GLN B 57 -18.34 4.27 -12.22
N PHE B 58 -17.42 3.91 -11.34
CA PHE B 58 -16.63 2.70 -11.51
C PHE B 58 -17.48 1.64 -10.81
N PRO B 59 -18.05 0.69 -11.57
CA PRO B 59 -18.88 -0.37 -11.01
C PRO B 59 -18.30 -1.15 -9.83
N GLU B 60 -16.99 -1.36 -9.85
CA GLU B 60 -16.32 -2.11 -8.80
C GLU B 60 -16.48 -1.51 -7.40
N ASP B 61 -16.28 -0.19 -7.28
CA ASP B 61 -16.41 0.45 -5.97
C ASP B 61 -17.57 1.45 -5.87
N GLU B 62 -18.28 1.65 -6.98
CA GLU B 62 -19.41 2.55 -7.03
C GLU B 62 -19.04 4.01 -6.76
N VAL B 63 -17.77 4.35 -6.97
CA VAL B 63 -17.29 5.71 -6.78
C VAL B 63 -17.30 6.43 -8.13
N PHE B 64 -17.55 7.74 -8.10
CA PHE B 64 -17.54 8.53 -9.34
C PHE B 64 -16.16 9.17 -9.49
N TYR B 65 -15.62 9.08 -10.71
CA TYR B 65 -14.30 9.62 -11.04
C TYR B 65 -14.33 10.36 -12.37
N ARG B 66 -13.33 11.21 -12.61
CA ARG B 66 -13.24 11.90 -13.90
C ARG B 66 -12.95 10.82 -14.92
N ALA B 67 -13.61 10.89 -16.07
CA ALA B 67 -13.43 9.86 -17.09
C ALA B 67 -13.52 10.35 -18.52
N GLN B 68 -12.87 9.63 -19.43
CA GLN B 68 -12.96 9.95 -20.85
C GLN B 68 -13.54 8.72 -21.53
N ILE B 69 -14.54 8.93 -22.37
CA ILE B 69 -15.19 7.83 -23.07
C ILE B 69 -14.24 7.28 -24.14
N ARG B 70 -13.99 5.98 -24.11
CA ARG B 70 -13.09 5.33 -25.07
C ARG B 70 -13.86 4.56 -26.14
N LYS B 71 -14.97 3.94 -25.72
CA LYS B 71 -15.79 3.17 -26.64
C LYS B 71 -17.25 3.33 -26.27
N VAL B 72 -18.10 3.48 -27.28
CA VAL B 72 -19.53 3.60 -27.06
C VAL B 72 -20.12 2.24 -27.42
N LEU B 73 -20.79 1.61 -26.45
CA LEU B 73 -21.38 0.30 -26.66
C LEU B 73 -22.90 0.35 -26.73
N ASP B 74 -23.54 -0.79 -26.52
CA ASP B 74 -24.99 -0.86 -26.57
C ASP B 74 -25.58 -0.77 -25.17
N ASP B 75 -26.90 -0.60 -25.09
CA ASP B 75 -27.60 -0.51 -23.81
C ASP B 75 -27.10 0.65 -22.96
N GLY B 76 -26.74 1.76 -23.62
CA GLY B 76 -26.26 2.92 -22.90
C GLY B 76 -24.92 2.71 -22.21
N LYS B 77 -24.21 1.67 -22.61
CA LYS B 77 -22.91 1.36 -22.02
C LYS B 77 -21.75 2.01 -22.77
N CYS B 78 -20.68 2.28 -22.05
CA CYS B 78 -19.46 2.85 -22.63
C CYS B 78 -18.27 2.33 -21.86
N GLU B 79 -17.15 2.15 -22.55
CA GLU B 79 -15.93 1.76 -21.86
C GLU B 79 -15.25 3.10 -21.61
N VAL B 80 -14.89 3.38 -20.37
CA VAL B 80 -14.24 4.65 -20.07
C VAL B 80 -12.89 4.44 -19.44
N HIS B 81 -12.06 5.47 -19.53
CA HIS B 81 -10.74 5.47 -18.94
C HIS B 81 -10.79 6.50 -17.81
N PHE B 82 -10.48 6.07 -16.60
CA PHE B 82 -10.48 6.97 -15.45
C PHE B 82 -9.12 7.68 -15.45
N ILE B 83 -9.13 8.91 -15.97
CA ILE B 83 -7.90 9.67 -16.12
C ILE B 83 -7.04 9.92 -14.91
N ASP B 84 -7.60 9.89 -13.71
CA ASP B 84 -6.76 10.14 -12.55
C ASP B 84 -6.24 8.86 -11.88
N PHE B 85 -6.71 7.72 -12.37
CA PHE B 85 -6.32 6.43 -11.79
C PHE B 85 -5.77 5.39 -12.78
N GLY B 86 -5.86 5.71 -14.08
CA GLY B 86 -5.32 4.85 -15.11
C GLY B 86 -6.02 3.57 -15.54
N ASN B 87 -7.16 3.24 -14.94
CA ASN B 87 -7.84 2.01 -15.31
C ASN B 87 -9.05 2.24 -16.22
N ASN B 88 -9.47 1.17 -16.90
CA ASN B 88 -10.62 1.22 -17.80
C ASN B 88 -11.74 0.38 -17.22
N ALA B 89 -12.98 0.73 -17.54
CA ALA B 89 -14.12 -0.03 -17.06
C ALA B 89 -15.34 0.31 -17.91
N VAL B 90 -16.25 -0.66 -18.04
CA VAL B 90 -17.48 -0.43 -18.77
C VAL B 90 -18.48 0.01 -17.71
N THR B 91 -19.25 1.04 -18.02
CA THR B 91 -20.25 1.54 -17.07
C THR B 91 -21.42 2.17 -17.81
N GLN B 92 -22.50 2.41 -17.07
CA GLN B 92 -23.71 3.02 -17.63
C GLN B 92 -24.10 4.29 -16.89
N GLN B 93 -23.33 4.65 -15.87
CA GLN B 93 -23.65 5.84 -15.07
C GLN B 93 -22.72 7.01 -15.36
N PHE B 94 -23.24 8.02 -16.05
CA PHE B 94 -22.45 9.20 -16.40
C PHE B 94 -23.10 10.49 -15.92
N ARG B 95 -22.27 11.42 -15.45
CA ARG B 95 -22.75 12.71 -14.99
C ARG B 95 -21.85 13.78 -15.59
N GLN B 96 -22.37 14.99 -15.68
CA GLN B 96 -21.60 16.07 -16.26
C GLN B 96 -20.44 16.54 -15.41
N LEU B 97 -19.32 16.80 -16.07
CA LEU B 97 -18.12 17.28 -15.40
C LEU B 97 -18.09 18.80 -15.54
N PRO B 98 -18.17 19.54 -14.43
CA PRO B 98 -18.14 21.02 -14.50
C PRO B 98 -16.87 21.47 -15.21
N GLU B 99 -16.96 22.53 -16.00
CA GLU B 99 -15.79 23.03 -16.72
C GLU B 99 -14.59 23.23 -15.81
N GLU B 100 -14.83 23.77 -14.62
CA GLU B 100 -13.72 24.03 -13.69
C GLU B 100 -12.99 22.76 -13.26
N LEU B 101 -13.71 21.65 -13.22
CA LEU B 101 -13.08 20.39 -12.82
C LEU B 101 -12.48 19.64 -14.01
N ALA B 102 -12.72 20.16 -15.21
CA ALA B 102 -12.17 19.55 -16.41
C ALA B 102 -10.84 20.24 -16.76
N LYS B 103 -10.60 21.39 -16.15
CA LYS B 103 -9.39 22.14 -16.43
C LYS B 103 -8.09 21.47 -15.97
N PRO B 104 -8.06 20.92 -14.74
CA PRO B 104 -6.83 20.27 -14.27
C PRO B 104 -6.39 19.08 -15.12
N ALA B 105 -5.09 18.92 -15.28
CA ALA B 105 -4.55 17.81 -16.06
C ALA B 105 -4.86 16.49 -15.38
N ARG B 106 -4.81 15.41 -16.15
CA ARG B 106 -5.04 14.07 -15.60
C ARG B 106 -3.99 13.84 -14.53
N TYR B 107 -4.37 13.18 -13.44
CA TYR B 107 -3.42 12.94 -12.36
C TYR B 107 -2.74 11.59 -12.34
N SER B 108 -3.03 10.75 -13.33
CA SER B 108 -2.34 9.48 -13.46
C SER B 108 -1.55 9.72 -14.75
N ARG B 109 -0.32 9.22 -14.81
CA ARG B 109 0.49 9.44 -15.99
C ARG B 109 0.88 8.15 -16.66
N HIS B 110 0.71 8.11 -17.98
CA HIS B 110 1.07 6.93 -18.74
C HIS B 110 2.58 6.89 -18.90
N CYS B 111 3.15 5.71 -18.67
CA CYS B 111 4.60 5.51 -18.78
C CYS B 111 4.97 4.26 -19.56
N GLU B 112 6.22 4.23 -20.01
CA GLU B 112 6.78 3.09 -20.72
C GLU B 112 8.25 3.03 -20.30
N LEU B 113 8.78 1.83 -20.11
CA LEU B 113 10.18 1.69 -19.71
C LEU B 113 11.12 1.99 -20.86
N ASP B 114 12.32 2.43 -20.54
CA ASP B 114 13.32 2.74 -21.54
C ASP B 114 13.77 1.45 -22.22
N ALA B 115 14.05 1.53 -23.52
CA ALA B 115 14.48 0.39 -24.29
C ALA B 115 15.66 -0.33 -23.63
N SER B 116 16.56 0.45 -23.03
CA SER B 116 17.72 -0.10 -22.35
C SER B 116 17.32 -1.15 -21.32
N THR B 117 16.29 -0.84 -20.54
CA THR B 117 15.82 -1.77 -19.52
C THR B 117 15.15 -3.00 -20.14
N ILE B 118 14.25 -2.76 -21.10
CA ILE B 118 13.52 -3.83 -21.75
C ILE B 118 14.42 -4.88 -22.41
N SER B 119 15.58 -4.44 -22.88
CA SER B 119 16.52 -5.34 -23.55
C SER B 119 17.30 -6.19 -22.54
N LYS B 120 17.63 -5.59 -21.40
CA LYS B 120 18.39 -6.28 -20.36
C LYS B 120 17.53 -7.31 -19.62
N CYS B 121 16.22 -7.19 -19.75
CA CYS B 121 15.29 -8.10 -19.09
C CYS B 121 14.99 -9.31 -19.97
N LEU B 125 7.26 -13.06 -18.15
CA LEU B 125 8.36 -12.11 -17.99
C LEU B 125 7.89 -10.82 -17.33
N LEU B 126 8.85 -10.05 -17.86
CA LEU B 126 8.67 -8.66 -17.43
C LEU B 126 7.25 -8.19 -17.67
N GLN B 127 6.49 -8.95 -18.45
CA GLN B 127 5.11 -8.62 -18.76
C GLN B 127 4.25 -8.44 -17.51
N SER B 128 4.62 -9.11 -16.44
CA SER B 128 3.85 -9.02 -15.19
C SER B 128 4.75 -9.13 -13.96
N PHE B 129 5.87 -8.42 -13.97
CA PHE B 129 6.80 -8.49 -12.83
C PHE B 129 6.27 -7.92 -11.53
N ILE B 130 5.34 -6.96 -11.62
CA ILE B 130 4.80 -6.38 -10.40
C ILE B 130 3.89 -7.34 -9.65
N ASP B 131 4.47 -8.03 -8.67
CA ASP B 131 3.74 -9.00 -7.85
C ASP B 131 3.97 -8.67 -6.37
N THR B 132 3.83 -9.68 -5.51
CA THR B 132 4.00 -9.45 -4.07
C THR B 132 5.43 -9.14 -3.64
N ARG B 133 6.37 -9.14 -4.58
CA ARG B 133 7.74 -8.79 -4.27
C ARG B 133 7.85 -7.28 -4.11
N PHE B 134 6.87 -6.56 -4.65
CA PHE B 134 6.90 -5.11 -4.61
C PHE B 134 5.74 -4.40 -3.93
N SER B 135 6.06 -3.31 -3.25
CA SER B 135 5.04 -2.49 -2.62
C SER B 135 4.60 -1.59 -3.79
N GLU B 136 3.74 -0.61 -3.54
CA GLU B 136 3.29 0.26 -4.62
C GLU B 136 4.22 1.46 -4.82
N THR B 137 5.14 1.63 -3.89
CA THR B 137 6.08 2.74 -3.91
C THR B 137 7.32 2.58 -4.79
N PHE B 138 7.40 3.37 -5.85
CA PHE B 138 8.55 3.34 -6.74
C PHE B 138 9.06 4.74 -6.97
N GLN B 139 10.08 4.84 -7.81
CA GLN B 139 10.63 6.14 -8.19
C GLN B 139 10.87 6.05 -9.69
N VAL B 140 10.71 7.16 -10.40
CA VAL B 140 10.95 7.15 -11.82
C VAL B 140 11.85 8.31 -12.22
N GLU B 141 12.67 8.06 -13.23
CA GLU B 141 13.56 9.06 -13.79
C GLU B 141 12.86 9.29 -15.12
N ILE B 142 12.42 10.51 -15.38
CA ILE B 142 11.73 10.80 -16.63
C ILE B 142 12.78 11.18 -17.68
N LEU B 143 12.93 10.31 -18.68
CA LEU B 143 13.91 10.53 -19.73
C LEU B 143 13.35 11.40 -20.85
N ALA B 144 12.04 11.35 -21.05
CA ALA B 144 11.39 12.12 -22.09
C ALA B 144 9.88 11.99 -22.02
N THR B 145 9.19 12.94 -22.65
CA THR B 145 7.74 12.91 -22.71
C THR B 145 7.40 12.91 -24.19
N LYS B 146 6.76 11.83 -24.64
CA LYS B 146 6.40 11.70 -26.05
C LYS B 146 5.28 12.64 -26.47
N GLY B 147 5.08 12.73 -27.78
CA GLY B 147 4.05 13.59 -28.30
C GLY B 147 2.67 13.22 -27.81
N THR B 148 2.52 11.99 -27.34
CA THR B 148 1.25 11.49 -26.82
C THR B 148 1.04 11.82 -25.35
N GLY B 149 2.09 12.27 -24.69
CA GLY B 149 1.99 12.59 -23.27
C GLY B 149 2.65 11.52 -22.42
N THR B 150 2.95 10.38 -23.04
CA THR B 150 3.59 9.26 -22.35
C THR B 150 5.01 9.59 -21.90
N HIS B 151 5.34 9.25 -20.66
CA HIS B 151 6.68 9.48 -20.15
C HIS B 151 7.52 8.24 -20.41
N VAL B 152 8.72 8.42 -20.95
CA VAL B 152 9.63 7.31 -21.15
C VAL B 152 10.42 7.36 -19.85
N VAL B 153 10.45 6.26 -19.10
CA VAL B 153 11.12 6.29 -17.81
C VAL B 153 12.06 5.14 -17.47
N ARG B 154 12.82 5.38 -16.42
CA ARG B 154 13.73 4.42 -15.85
C ARG B 154 13.02 4.21 -14.53
N LEU B 155 12.72 2.96 -14.20
CA LEU B 155 12.00 2.66 -12.96
C LEU B 155 12.93 2.15 -11.88
N PHE B 156 12.78 2.70 -10.68
CA PHE B 156 13.59 2.32 -9.52
C PHE B 156 12.73 1.80 -8.37
N TYR B 157 13.28 0.84 -7.63
CA TYR B 157 12.60 0.27 -6.47
C TYR B 157 13.69 0.09 -5.41
N GLN B 158 13.41 0.53 -4.19
CA GLN B 158 14.37 0.44 -3.10
C GLN B 158 15.71 1.04 -3.52
N SER B 159 15.63 2.16 -4.24
CA SER B 159 16.79 2.91 -4.70
C SER B 159 17.67 2.24 -5.75
N LYS B 160 17.15 1.22 -6.43
CA LYS B 160 17.93 0.52 -7.45
C LYS B 160 17.12 0.41 -8.73
N ASN B 161 17.80 0.36 -9.87
CA ASN B 161 17.08 0.21 -11.12
C ASN B 161 16.31 -1.10 -11.02
N ILE B 162 15.09 -1.11 -11.51
CA ILE B 162 14.25 -2.30 -11.45
C ILE B 162 14.95 -3.54 -12.02
N SER B 163 15.83 -3.34 -12.99
CA SER B 163 16.55 -4.46 -13.60
C SER B 163 17.37 -5.20 -12.54
N GLU B 164 17.89 -4.48 -11.56
CA GLU B 164 18.70 -5.07 -10.50
C GLU B 164 17.85 -5.73 -9.41
N LYS B 165 16.56 -5.46 -9.39
CA LYS B 165 15.66 -6.02 -8.39
C LYS B 165 14.89 -7.24 -8.88
N LEU B 166 15.00 -7.54 -10.17
CA LEU B 166 14.31 -8.67 -10.77
C LEU B 166 15.26 -9.81 -11.08
N GLN B 167 15.13 -10.92 -10.38
CA GLN B 167 16.00 -12.06 -10.63
C GLN B 167 15.86 -12.56 -12.07
N GLU B 168 14.69 -12.32 -12.68
CA GLU B 168 14.47 -12.76 -14.05
C GLU B 168 15.29 -11.91 -15.02
N CYS B 169 15.78 -10.77 -14.55
CA CYS B 169 16.58 -9.88 -15.37
C CYS B 169 18.06 -10.12 -15.13
#